data_3LKZ
#
_entry.id   3LKZ
#
_cell.length_a   39.363
_cell.length_b   65.740
_cell.length_c   77.119
_cell.angle_alpha   112.01
_cell.angle_beta   102.65
_cell.angle_gamma   90.19
#
_symmetry.space_group_name_H-M   'P 1'
#
loop_
_entity.id
_entity.type
_entity.pdbx_description
1 polymer 'Non-structural protein 5'
2 non-polymer SINEFUNGIN
3 non-polymer GLYCEROL
4 water water
#
_entity_poly.entity_id   1
_entity_poly.type   'polypeptide(L)'
_entity_poly.pdbx_seq_one_letter_code
;MGSSHHHHHHSSGLVPRGSHMGGAKGRTLGEVWKERLNQMTKEEFTRYRKEAIIEVDRSAAKHARKEGNVTGGHPVSRGT
AKLRWLVERRFLEPVGKVIDLGCGRGGWCYYMATQKRVQEVRGYTKGGPGHEEPQLVQSYGWNIVTMKSGVDVFYRPSEC
CDTLLCDIGESSSSAEVEEHRTIRVLEMVEDWLHRGPREFCVKVLCPYMPKVIEKMELLQRRYGGGLVRNPLSRNSTHEM
YWVSRASGNVVHSVNMTSQVLLGRMEKRTWKGPQYEEDVNLGSGTRAVGKPLLNSDTSKIKNRIERLRREYSSTWHHDEN
H
;
_entity_poly.pdbx_strand_id   A,B
#
# COMPACT_ATOMS: atom_id res chain seq x y z
N GLY A 26 25.41 -8.61 -47.22
CA GLY A 26 26.08 -7.28 -47.41
C GLY A 26 27.17 -7.03 -46.37
N ARG A 27 27.57 -5.79 -46.19
CA ARG A 27 28.60 -5.45 -45.21
C ARG A 27 28.05 -5.73 -43.81
N THR A 28 28.87 -5.45 -42.78
CA THR A 28 28.50 -5.67 -41.39
C THR A 28 27.98 -7.07 -41.13
N LEU A 29 28.45 -7.70 -40.07
CA LEU A 29 28.00 -9.05 -39.75
C LEU A 29 26.50 -9.05 -39.47
N GLY A 30 26.01 -7.94 -38.93
CA GLY A 30 24.59 -7.84 -38.64
C GLY A 30 23.73 -8.06 -39.87
N GLU A 31 24.16 -7.54 -41.01
CA GLU A 31 23.40 -7.71 -42.24
C GLU A 31 23.38 -9.14 -42.76
N VAL A 32 24.45 -9.89 -42.55
CA VAL A 32 24.45 -11.28 -43.02
C VAL A 32 23.51 -12.06 -42.11
N TRP A 33 23.52 -11.72 -40.82
CA TRP A 33 22.63 -12.38 -39.87
C TRP A 33 21.19 -12.18 -40.32
N LYS A 34 20.85 -10.95 -40.67
CA LYS A 34 19.49 -10.63 -41.11
C LYS A 34 19.11 -11.45 -42.34
N GLU A 35 20.02 -11.55 -43.31
CA GLU A 35 19.76 -12.30 -44.53
C GLU A 35 19.51 -13.76 -44.22
N ARG A 36 20.35 -14.33 -43.36
CA ARG A 36 20.21 -15.74 -43.01
C ARG A 36 18.93 -16.03 -42.26
N LEU A 37 18.49 -15.10 -41.43
CA LEU A 37 17.26 -15.26 -40.67
C LEU A 37 16.08 -15.34 -41.64
N ASN A 38 16.00 -14.40 -42.57
CA ASN A 38 14.90 -14.38 -43.54
C ASN A 38 14.91 -15.58 -44.49
N GLN A 39 15.95 -16.39 -44.43
CA GLN A 39 16.06 -17.54 -45.31
C GLN A 39 15.67 -18.84 -44.59
N MET A 40 15.45 -18.76 -43.29
CA MET A 40 15.09 -19.96 -42.53
C MET A 40 13.65 -20.40 -42.75
N THR A 41 13.44 -21.71 -42.64
CA THR A 41 12.13 -22.29 -42.79
C THR A 41 11.39 -21.90 -41.51
N LYS A 42 10.08 -22.09 -41.48
CA LYS A 42 9.27 -21.75 -40.32
C LYS A 42 9.78 -22.46 -39.07
N GLU A 43 9.84 -23.80 -39.14
CA GLU A 43 10.29 -24.59 -38.01
C GLU A 43 11.71 -24.28 -37.53
N GLU A 44 12.65 -24.04 -38.44
CA GLU A 44 14.00 -23.72 -37.99
C GLU A 44 14.06 -22.30 -37.40
N PHE A 45 13.30 -21.38 -37.97
CA PHE A 45 13.26 -20.02 -37.45
C PHE A 45 12.80 -20.02 -35.97
N THR A 46 11.74 -20.76 -35.66
CA THR A 46 11.21 -20.80 -34.29
C THR A 46 12.17 -21.54 -33.34
N ARG A 47 12.91 -22.50 -33.88
CA ARG A 47 13.87 -23.26 -33.09
C ARG A 47 15.07 -22.36 -32.77
N TYR A 48 15.53 -21.64 -33.78
CA TYR A 48 16.68 -20.77 -33.65
C TYR A 48 16.51 -19.57 -32.73
N ARG A 49 15.35 -18.93 -32.78
CA ARG A 49 15.16 -17.74 -31.97
C ARG A 49 15.26 -17.93 -30.47
N LYS A 50 15.12 -19.16 -29.99
CA LYS A 50 15.24 -19.41 -28.55
C LYS A 50 16.49 -20.18 -28.14
N GLU A 51 17.34 -20.52 -29.11
CA GLU A 51 18.54 -21.27 -28.81
C GLU A 51 19.52 -20.57 -27.88
N ALA A 52 19.80 -21.20 -26.75
CA ALA A 52 20.75 -20.68 -25.78
C ALA A 52 20.43 -19.33 -25.14
N ILE A 53 19.23 -18.80 -25.34
CA ILE A 53 18.90 -17.52 -24.72
C ILE A 53 18.37 -17.87 -23.35
N ILE A 54 18.30 -16.89 -22.44
CA ILE A 54 17.74 -17.20 -21.14
C ILE A 54 16.25 -16.83 -21.25
N GLU A 55 15.39 -17.72 -20.77
CA GLU A 55 13.95 -17.49 -20.85
C GLU A 55 13.25 -17.80 -19.53
N VAL A 56 12.52 -16.81 -19.01
CA VAL A 56 11.79 -16.98 -17.76
C VAL A 56 10.50 -17.74 -18.02
N ASP A 57 10.04 -18.49 -17.02
CA ASP A 57 8.79 -19.23 -17.17
C ASP A 57 7.64 -18.28 -16.86
N ARG A 58 6.68 -18.20 -17.76
CA ARG A 58 5.53 -17.32 -17.60
C ARG A 58 4.23 -18.06 -17.31
N SER A 59 4.31 -19.37 -17.08
CA SER A 59 3.11 -20.15 -16.82
C SER A 59 2.25 -19.60 -15.69
N ALA A 60 2.86 -19.34 -14.54
CA ALA A 60 2.14 -18.80 -13.39
C ALA A 60 1.53 -17.43 -13.67
N ALA A 61 2.27 -16.59 -14.40
CA ALA A 61 1.77 -15.26 -14.73
C ALA A 61 0.54 -15.36 -15.62
N LYS A 62 0.57 -16.32 -16.55
CA LYS A 62 -0.52 -16.55 -17.47
C LYS A 62 -1.80 -17.01 -16.78
N HIS A 63 -1.65 -17.90 -15.82
CA HIS A 63 -2.80 -18.44 -15.10
C HIS A 63 -3.34 -17.42 -14.10
N ALA A 64 -2.47 -16.53 -13.62
CA ALA A 64 -2.89 -15.50 -12.69
C ALA A 64 -3.76 -14.49 -13.44
N ARG A 65 -3.43 -14.25 -14.70
CA ARG A 65 -4.18 -13.31 -15.52
C ARG A 65 -5.58 -13.85 -15.77
N LYS A 66 -5.67 -15.15 -16.05
CA LYS A 66 -6.96 -15.78 -16.30
C LYS A 66 -7.84 -15.76 -15.05
N GLU A 67 -7.27 -16.10 -13.91
CA GLU A 67 -8.02 -16.11 -12.66
C GLU A 67 -8.23 -14.71 -12.13
N GLY A 68 -7.59 -13.73 -12.77
CA GLY A 68 -7.74 -12.35 -12.33
C GLY A 68 -6.91 -12.02 -11.10
N ASN A 69 -5.93 -12.87 -10.79
CA ASN A 69 -5.06 -12.66 -9.64
C ASN A 69 -4.16 -11.46 -9.92
N VAL A 70 -4.61 -10.28 -9.49
CA VAL A 70 -3.90 -9.02 -9.70
C VAL A 70 -2.89 -8.67 -8.61
N THR A 71 -2.89 -9.40 -7.51
CA THR A 71 -1.98 -9.14 -6.41
C THR A 71 -0.95 -10.23 -6.13
N GLY A 72 -0.78 -11.14 -7.09
CA GLY A 72 0.18 -12.22 -6.90
C GLY A 72 1.64 -11.83 -7.06
N GLY A 73 1.88 -10.64 -7.61
CA GLY A 73 3.25 -10.19 -7.79
C GLY A 73 3.86 -10.57 -9.13
N HIS A 74 3.06 -11.19 -9.99
CA HIS A 74 3.55 -11.60 -11.29
C HIS A 74 3.73 -10.41 -12.23
N PRO A 75 4.83 -10.41 -12.99
CA PRO A 75 5.06 -9.29 -13.92
C PRO A 75 3.98 -9.36 -15.00
N VAL A 76 3.67 -8.25 -15.66
CA VAL A 76 2.64 -8.26 -16.69
C VAL A 76 3.15 -8.65 -18.08
N SER A 77 4.46 -8.88 -18.18
CA SER A 77 5.07 -9.25 -19.46
C SER A 77 6.49 -9.72 -19.21
N ARG A 78 7.14 -10.18 -20.28
CA ARG A 78 8.52 -10.64 -20.19
C ARG A 78 9.44 -9.43 -20.07
N GLY A 79 8.90 -8.25 -20.33
CA GLY A 79 9.71 -7.05 -20.26
C GLY A 79 10.35 -6.72 -18.92
N THR A 80 9.72 -7.07 -17.80
CA THR A 80 10.33 -6.73 -16.52
C THR A 80 11.61 -7.55 -16.27
N ALA A 81 11.58 -8.85 -16.57
CA ALA A 81 12.76 -9.67 -16.38
C ALA A 81 13.94 -9.12 -17.20
N LYS A 82 13.63 -8.54 -18.34
CA LYS A 82 14.67 -7.95 -19.21
C LYS A 82 15.31 -6.74 -18.57
N LEU A 83 14.47 -5.85 -18.04
CA LEU A 83 14.99 -4.65 -17.40
C LEU A 83 15.69 -5.00 -16.10
N ARG A 84 15.23 -6.05 -15.42
CA ARG A 84 15.86 -6.47 -14.18
C ARG A 84 17.30 -6.89 -14.44
N TRP A 85 17.52 -7.66 -15.50
CA TRP A 85 18.87 -8.10 -15.85
C TRP A 85 19.81 -6.90 -15.94
N LEU A 86 19.33 -5.83 -16.57
CA LEU A 86 20.11 -4.60 -16.74
C LEU A 86 20.37 -3.85 -15.44
N VAL A 87 19.31 -3.62 -14.66
CA VAL A 87 19.45 -2.87 -13.41
C VAL A 87 20.30 -3.62 -12.37
N GLU A 88 20.15 -4.94 -12.33
CA GLU A 88 20.90 -5.74 -11.37
C GLU A 88 22.41 -5.75 -11.61
N ARG A 89 22.81 -5.40 -12.83
CA ARG A 89 24.22 -5.35 -13.16
C ARG A 89 24.74 -3.92 -13.18
N ARG A 90 23.91 -3.00 -12.70
CA ARG A 90 24.27 -1.59 -12.62
C ARG A 90 24.38 -0.82 -13.91
N PHE A 91 23.79 -1.33 -14.99
CA PHE A 91 23.86 -0.63 -16.26
C PHE A 91 23.09 0.68 -16.21
N LEU A 92 22.32 0.85 -15.13
CA LEU A 92 21.56 2.07 -14.86
C LEU A 92 20.99 1.97 -13.46
N GLU A 93 20.79 3.12 -12.82
CA GLU A 93 20.26 3.19 -11.48
C GLU A 93 19.03 4.09 -11.44
N PRO A 94 17.84 3.52 -11.66
CA PRO A 94 16.60 4.29 -11.66
C PRO A 94 16.46 5.17 -10.42
N VAL A 95 16.00 6.39 -10.63
CA VAL A 95 15.83 7.34 -9.53
C VAL A 95 14.88 8.47 -9.89
N GLY A 96 14.23 9.04 -8.87
CA GLY A 96 13.30 10.14 -9.06
C GLY A 96 12.11 9.84 -9.94
N LYS A 97 11.87 10.71 -10.91
CA LYS A 97 10.76 10.55 -11.83
C LYS A 97 11.17 9.70 -13.03
N VAL A 98 10.41 8.63 -13.26
CA VAL A 98 10.66 7.71 -14.36
C VAL A 98 9.59 7.86 -15.44
N ILE A 99 10.01 8.03 -16.69
CA ILE A 99 9.08 8.12 -17.81
C ILE A 99 9.44 6.94 -18.72
N ASP A 100 8.44 6.11 -19.01
CA ASP A 100 8.63 4.93 -19.84
C ASP A 100 7.88 5.07 -21.16
N LEU A 101 8.62 5.35 -22.23
CA LEU A 101 8.04 5.52 -23.55
C LEU A 101 7.77 4.16 -24.18
N GLY A 102 6.53 3.95 -24.65
CA GLY A 102 6.17 2.68 -25.25
C GLY A 102 6.12 1.62 -24.16
N CYS A 103 5.39 1.93 -23.09
CA CYS A 103 5.27 1.05 -21.93
C CYS A 103 4.50 -0.23 -22.21
N GLY A 104 3.66 -0.23 -23.23
CA GLY A 104 2.91 -1.43 -23.54
C GLY A 104 2.07 -1.89 -22.36
N ARG A 105 2.21 -3.17 -22.00
CA ARG A 105 1.46 -3.72 -20.88
C ARG A 105 1.94 -3.09 -19.56
N GLY A 106 3.21 -2.70 -19.51
CA GLY A 106 3.73 -2.05 -18.32
C GLY A 106 4.84 -2.76 -17.55
N GLY A 107 5.42 -3.80 -18.13
CA GLY A 107 6.48 -4.53 -17.46
C GLY A 107 7.62 -3.73 -16.87
N TRP A 108 8.00 -2.65 -17.56
CA TRP A 108 9.09 -1.80 -17.06
C TRP A 108 8.59 -0.83 -16.02
N CYS A 109 7.37 -0.33 -16.22
CA CYS A 109 6.79 0.59 -15.25
C CYS A 109 6.63 -0.09 -13.91
N TYR A 110 6.03 -1.28 -13.91
CA TYR A 110 5.82 -2.00 -12.66
C TYR A 110 7.12 -2.42 -11.99
N TYR A 111 8.14 -2.74 -12.77
CA TYR A 111 9.41 -3.11 -12.18
C TYR A 111 10.06 -1.87 -11.54
N MET A 112 10.02 -0.74 -12.25
CA MET A 112 10.60 0.50 -11.73
C MET A 112 9.92 0.94 -10.44
N ALA A 113 8.62 0.65 -10.32
CA ALA A 113 7.85 1.01 -9.14
C ALA A 113 8.36 0.32 -7.89
N THR A 114 9.14 -0.76 -8.06
CA THR A 114 9.68 -1.49 -6.91
C THR A 114 11.06 -1.02 -6.46
N GLN A 115 11.66 -0.09 -7.21
CA GLN A 115 13.00 0.43 -6.88
C GLN A 115 12.91 1.57 -5.86
N LYS A 116 13.64 1.44 -4.75
CA LYS A 116 13.57 2.46 -3.70
C LYS A 116 13.90 3.90 -4.09
N ARG A 117 14.81 4.10 -5.03
CA ARG A 117 15.17 5.45 -5.45
C ARG A 117 14.13 6.11 -6.36
N VAL A 118 13.23 5.30 -6.92
CA VAL A 118 12.19 5.83 -7.81
C VAL A 118 11.01 6.33 -7.00
N GLN A 119 10.49 7.51 -7.35
CA GLN A 119 9.35 8.09 -6.63
C GLN A 119 8.08 8.32 -7.47
N GLU A 120 8.22 8.21 -8.79
CA GLU A 120 7.09 8.39 -9.69
C GLU A 120 7.38 7.71 -11.03
N VAL A 121 6.40 6.96 -11.54
CA VAL A 121 6.55 6.27 -12.81
C VAL A 121 5.43 6.70 -13.76
N ARG A 122 5.82 7.22 -14.91
CA ARG A 122 4.85 7.64 -15.91
C ARG A 122 5.16 6.89 -17.20
N GLY A 123 4.17 6.18 -17.73
CA GLY A 123 4.36 5.43 -18.95
C GLY A 123 3.39 5.87 -20.04
N TYR A 124 3.88 5.89 -21.28
CA TYR A 124 3.04 6.27 -22.41
C TYR A 124 3.14 5.16 -23.44
N THR A 125 2.00 4.78 -24.02
CA THR A 125 2.01 3.75 -25.04
C THR A 125 0.91 4.05 -26.07
N LYS A 126 1.11 3.58 -27.29
CA LYS A 126 0.16 3.84 -28.37
C LYS A 126 -1.20 3.19 -28.16
N GLY A 127 -1.22 1.92 -27.78
CA GLY A 127 -2.49 1.25 -27.59
C GLY A 127 -3.29 1.27 -28.89
N GLY A 128 -4.54 0.85 -28.84
CA GLY A 128 -5.37 0.81 -30.02
C GLY A 128 -5.22 -0.55 -30.68
N PRO A 129 -6.01 -0.85 -31.73
CA PRO A 129 -5.96 -2.13 -32.43
C PRO A 129 -4.55 -2.63 -32.82
N GLY A 130 -4.22 -3.84 -32.37
CA GLY A 130 -2.92 -4.42 -32.68
C GLY A 130 -1.85 -4.14 -31.65
N HIS A 131 -2.04 -3.09 -30.84
CA HIS A 131 -1.07 -2.72 -29.83
C HIS A 131 -1.49 -3.08 -28.41
N GLU A 132 -0.51 -3.41 -27.57
CA GLU A 132 -0.79 -3.76 -26.18
C GLU A 132 -1.34 -2.57 -25.40
N GLU A 133 -2.28 -2.85 -24.53
CA GLU A 133 -2.89 -1.83 -23.69
C GLU A 133 -2.26 -1.98 -22.32
N PRO A 134 -2.11 -0.88 -21.58
CA PRO A 134 -1.51 -1.11 -20.26
C PRO A 134 -2.40 -2.00 -19.39
N GLN A 135 -1.77 -2.90 -18.65
CA GLN A 135 -2.49 -3.82 -17.77
C GLN A 135 -2.41 -3.28 -16.35
N LEU A 136 -3.57 -3.11 -15.72
CA LEU A 136 -3.61 -2.58 -14.36
C LEU A 136 -3.58 -3.72 -13.33
N VAL A 137 -2.46 -3.83 -12.62
CA VAL A 137 -2.29 -4.86 -11.61
C VAL A 137 -1.82 -4.19 -10.32
N GLN A 138 -1.65 -4.98 -9.26
CA GLN A 138 -1.22 -4.39 -8.00
C GLN A 138 0.04 -4.98 -7.38
N SER A 139 1.08 -5.04 -8.19
CA SER A 139 2.37 -5.53 -7.74
C SER A 139 2.94 -4.40 -6.89
N TYR A 140 3.98 -4.68 -6.11
CA TYR A 140 4.55 -3.68 -5.22
C TYR A 140 4.84 -2.31 -5.84
N GLY A 141 4.29 -1.27 -5.21
CA GLY A 141 4.50 0.08 -5.68
C GLY A 141 3.63 0.55 -6.82
N TRP A 142 2.64 -0.25 -7.21
CA TRP A 142 1.75 0.09 -8.31
C TRP A 142 1.08 1.46 -8.19
N ASN A 143 0.93 1.96 -6.96
CA ASN A 143 0.27 3.26 -6.74
C ASN A 143 1.08 4.46 -7.27
N ILE A 144 2.37 4.24 -7.48
CA ILE A 144 3.28 5.26 -7.98
C ILE A 144 3.29 5.27 -9.52
N VAL A 145 2.60 4.28 -10.10
CA VAL A 145 2.53 4.13 -11.55
C VAL A 145 1.30 4.74 -12.21
N THR A 146 1.54 5.45 -13.31
CA THR A 146 0.48 6.08 -14.09
C THR A 146 0.77 5.87 -15.57
N MET A 147 -0.01 5.01 -16.22
CA MET A 147 0.17 4.72 -17.65
C MET A 147 -1.00 5.24 -18.48
N LYS A 148 -0.68 5.98 -19.54
CA LYS A 148 -1.71 6.53 -20.41
C LYS A 148 -1.58 5.94 -21.82
N SER A 149 -2.63 5.28 -22.28
CA SER A 149 -2.63 4.66 -23.60
C SER A 149 -3.13 5.66 -24.64
N GLY A 150 -3.14 5.25 -25.90
CA GLY A 150 -3.59 6.12 -26.96
C GLY A 150 -2.63 7.27 -27.23
N VAL A 151 -1.38 7.10 -26.80
CA VAL A 151 -0.36 8.13 -26.98
C VAL A 151 0.79 7.69 -27.88
N ASP A 152 0.84 8.26 -29.08
CA ASP A 152 1.92 7.94 -29.99
C ASP A 152 2.99 8.94 -29.56
N VAL A 153 4.05 8.43 -28.95
CA VAL A 153 5.13 9.26 -28.43
C VAL A 153 5.86 10.12 -29.45
N PHE A 154 5.75 9.79 -30.73
CA PHE A 154 6.42 10.59 -31.75
C PHE A 154 5.82 11.99 -31.88
N TYR A 155 4.59 12.18 -31.42
CA TYR A 155 3.94 13.49 -31.54
C TYR A 155 3.80 14.22 -30.20
N ARG A 156 4.19 13.57 -29.12
CA ARG A 156 4.07 14.15 -27.78
C ARG A 156 5.31 14.95 -27.36
N PRO A 157 5.13 16.24 -27.05
CA PRO A 157 6.27 17.06 -26.64
C PRO A 157 6.87 16.48 -25.36
N SER A 158 8.19 16.55 -25.25
CA SER A 158 8.90 15.98 -24.11
C SER A 158 8.59 16.62 -22.77
N GLU A 159 8.83 15.82 -21.72
CA GLU A 159 8.57 16.21 -20.34
C GLU A 159 9.83 15.92 -19.51
N CYS A 160 10.00 16.64 -18.41
CA CYS A 160 11.16 16.44 -17.55
C CYS A 160 11.09 15.17 -16.74
N CYS A 161 12.24 14.52 -16.55
CA CYS A 161 12.32 13.30 -15.76
C CYS A 161 13.77 13.04 -15.35
N ASP A 162 13.96 12.13 -14.41
CA ASP A 162 15.30 11.80 -13.92
C ASP A 162 15.82 10.51 -14.54
N THR A 163 14.88 9.66 -14.97
CA THR A 163 15.21 8.38 -15.59
C THR A 163 14.33 8.23 -16.82
N LEU A 164 14.96 8.04 -17.97
CA LEU A 164 14.21 7.91 -19.21
C LEU A 164 14.35 6.51 -19.76
N LEU A 165 13.21 5.88 -20.06
CA LEU A 165 13.21 4.52 -20.62
C LEU A 165 12.40 4.49 -21.91
N CYS A 166 12.85 3.69 -22.86
CA CYS A 166 12.16 3.55 -24.14
C CYS A 166 12.40 2.14 -24.68
N ASP A 167 11.32 1.46 -25.03
CA ASP A 167 11.43 0.09 -25.54
C ASP A 167 10.69 -0.07 -26.88
N ILE A 168 10.66 1.01 -27.66
CA ILE A 168 9.99 0.98 -28.96
C ILE A 168 10.91 0.49 -30.07
N GLY A 169 10.36 -0.29 -30.99
CA GLY A 169 11.12 -0.82 -32.10
C GLY A 169 10.30 -1.81 -32.89
N GLU A 170 9.52 -1.32 -33.85
CA GLU A 170 8.67 -2.19 -34.66
C GLU A 170 9.50 -2.92 -35.72
N SER A 171 9.68 -4.23 -35.54
CA SER A 171 10.48 -5.01 -36.46
C SER A 171 9.93 -5.09 -37.89
N SER A 172 10.85 -5.28 -38.83
CA SER A 172 10.54 -5.40 -40.24
C SER A 172 11.50 -6.40 -40.87
N SER A 173 11.04 -7.11 -41.88
CA SER A 173 11.92 -8.09 -42.52
C SER A 173 13.04 -7.33 -43.23
N SER A 174 12.82 -6.05 -43.47
CA SER A 174 13.81 -5.21 -44.16
C SER A 174 14.73 -4.45 -43.19
N ALA A 175 16.02 -4.73 -43.28
CA ALA A 175 17.00 -4.08 -42.42
C ALA A 175 17.01 -2.56 -42.66
N GLU A 176 16.68 -2.15 -43.89
CA GLU A 176 16.65 -0.73 -44.20
C GLU A 176 15.49 -0.06 -43.49
N VAL A 177 14.35 -0.74 -43.46
CA VAL A 177 13.16 -0.21 -42.79
C VAL A 177 13.49 -0.05 -41.30
N GLU A 178 14.13 -1.06 -40.72
CA GLU A 178 14.48 -1.02 -39.30
C GLU A 178 15.48 0.08 -38.99
N GLU A 179 16.41 0.34 -39.91
CA GLU A 179 17.40 1.38 -39.70
C GLU A 179 16.70 2.72 -39.59
N HIS A 180 15.75 2.94 -40.50
CA HIS A 180 14.97 4.17 -40.54
C HIS A 180 14.13 4.31 -39.28
N ARG A 181 13.50 3.22 -38.86
CA ARG A 181 12.66 3.25 -37.68
C ARG A 181 13.50 3.48 -36.42
N THR A 182 14.71 2.93 -36.40
CA THR A 182 15.57 3.10 -35.25
C THR A 182 16.09 4.53 -35.15
N ILE A 183 16.39 5.14 -36.30
CA ILE A 183 16.87 6.51 -36.31
C ILE A 183 15.75 7.41 -35.82
N ARG A 184 14.52 7.12 -36.24
CA ARG A 184 13.36 7.92 -35.83
C ARG A 184 13.23 7.87 -34.31
N VAL A 185 13.36 6.68 -33.74
CA VAL A 185 13.27 6.52 -32.30
C VAL A 185 14.34 7.33 -31.61
N LEU A 186 15.59 7.16 -32.05
CA LEU A 186 16.72 7.85 -31.46
C LEU A 186 16.63 9.38 -31.50
N GLU A 187 16.06 9.92 -32.58
CA GLU A 187 15.91 11.37 -32.70
C GLU A 187 14.79 11.82 -31.76
N MET A 188 13.82 10.94 -31.55
CA MET A 188 12.70 11.23 -30.66
C MET A 188 13.20 11.20 -29.22
N VAL A 189 13.98 10.17 -28.89
CA VAL A 189 14.53 10.02 -27.55
C VAL A 189 15.43 11.19 -27.13
N GLU A 190 16.20 11.71 -28.07
CA GLU A 190 17.11 12.81 -27.76
C GLU A 190 16.36 14.08 -27.31
N ASP A 191 15.10 14.19 -27.71
CA ASP A 191 14.27 15.33 -27.33
C ASP A 191 13.97 15.28 -25.83
N TRP A 192 13.90 14.06 -25.30
CA TRP A 192 13.63 13.89 -23.88
C TRP A 192 14.91 13.97 -23.07
N LEU A 193 16.03 13.57 -23.69
CA LEU A 193 17.32 13.59 -23.00
C LEU A 193 17.85 14.99 -22.73
N HIS A 194 17.73 15.89 -23.70
CA HIS A 194 18.25 17.24 -23.50
C HIS A 194 17.50 17.96 -22.38
N ARG A 195 16.49 17.29 -21.84
CA ARG A 195 15.70 17.86 -20.74
C ARG A 195 16.43 17.62 -19.41
N GLY A 196 17.34 16.65 -19.39
CA GLY A 196 18.09 16.39 -18.16
C GLY A 196 18.17 14.98 -17.60
N PRO A 197 17.40 14.00 -18.10
CA PRO A 197 17.50 12.64 -17.54
C PRO A 197 18.94 12.14 -17.53
N ARG A 198 19.48 11.87 -16.34
CA ARG A 198 20.85 11.40 -16.22
C ARG A 198 20.93 9.88 -16.38
N GLU A 199 19.86 9.19 -16.01
CA GLU A 199 19.78 7.73 -16.11
C GLU A 199 18.85 7.35 -17.26
N PHE A 200 19.26 6.37 -18.06
CA PHE A 200 18.41 5.95 -19.17
C PHE A 200 18.68 4.54 -19.71
N CYS A 201 17.68 4.00 -20.40
CA CYS A 201 17.74 2.69 -21.03
C CYS A 201 16.86 2.79 -22.28
N VAL A 202 17.48 2.75 -23.45
CA VAL A 202 16.75 2.88 -24.71
C VAL A 202 17.02 1.71 -25.64
N LYS A 203 15.97 1.01 -26.04
CA LYS A 203 16.17 -0.10 -26.95
C LYS A 203 16.54 0.42 -28.33
N VAL A 204 17.54 -0.20 -28.94
CA VAL A 204 18.01 0.17 -30.26
C VAL A 204 17.73 -1.05 -31.15
N LEU A 205 16.57 -1.04 -31.79
CA LEU A 205 16.10 -2.12 -32.64
C LEU A 205 17.15 -2.73 -33.57
N CYS A 206 17.69 -1.90 -34.46
CA CYS A 206 18.66 -2.35 -35.45
C CYS A 206 19.94 -1.52 -35.31
N PRO A 207 20.83 -1.91 -34.39
CA PRO A 207 22.10 -1.22 -34.12
C PRO A 207 23.25 -1.48 -35.08
N TYR A 208 23.07 -2.41 -36.02
CA TYR A 208 24.13 -2.73 -36.97
C TYR A 208 24.16 -1.94 -38.27
N MET A 209 23.08 -1.25 -38.62
CA MET A 209 23.08 -0.46 -39.85
C MET A 209 23.89 0.82 -39.69
N PRO A 210 24.68 1.21 -40.71
CA PRO A 210 25.53 2.40 -40.73
C PRO A 210 24.97 3.70 -40.16
N LYS A 211 23.70 4.00 -40.41
CA LYS A 211 23.14 5.24 -39.89
C LYS A 211 22.96 5.17 -38.36
N VAL A 212 22.57 4.00 -37.86
CA VAL A 212 22.38 3.86 -36.42
C VAL A 212 23.74 3.90 -35.72
N ILE A 213 24.74 3.25 -36.32
CA ILE A 213 26.11 3.23 -35.78
C ILE A 213 26.64 4.66 -35.65
N GLU A 214 26.46 5.45 -36.70
CA GLU A 214 26.90 6.84 -36.71
C GLU A 214 26.10 7.67 -35.70
N LYS A 215 24.79 7.48 -35.71
CA LYS A 215 23.89 8.20 -34.80
C LYS A 215 24.25 7.87 -33.36
N MET A 216 24.50 6.59 -33.08
CA MET A 216 24.85 6.16 -31.73
C MET A 216 26.21 6.72 -31.30
N GLU A 217 27.19 6.74 -32.20
CA GLU A 217 28.51 7.26 -31.86
C GLU A 217 28.37 8.73 -31.45
N LEU A 218 27.52 9.48 -32.13
CA LEU A 218 27.32 10.88 -31.80
C LEU A 218 26.56 10.99 -30.48
N LEU A 219 25.53 10.16 -30.34
CA LEU A 219 24.71 10.18 -29.14
C LEU A 219 25.54 9.78 -27.91
N GLN A 220 26.51 8.89 -28.11
CA GLN A 220 27.36 8.45 -27.02
C GLN A 220 28.30 9.57 -26.60
N ARG A 221 28.76 10.36 -27.58
CA ARG A 221 29.64 11.47 -27.26
C ARG A 221 28.91 12.49 -26.38
N ARG A 222 27.67 12.81 -26.75
CA ARG A 222 26.92 13.78 -25.97
C ARG A 222 26.30 13.28 -24.67
N TYR A 223 25.87 12.02 -24.61
CA TYR A 223 25.26 11.52 -23.37
C TYR A 223 25.92 10.32 -22.72
N GLY A 224 27.10 9.92 -23.20
CA GLY A 224 27.76 8.78 -22.62
C GLY A 224 26.95 7.51 -22.74
N GLY A 225 27.30 6.49 -21.95
CA GLY A 225 26.59 5.22 -22.00
C GLY A 225 27.15 4.29 -23.06
N GLY A 226 26.51 3.12 -23.22
CA GLY A 226 26.96 2.17 -24.21
C GLY A 226 25.87 1.22 -24.66
N LEU A 227 26.18 0.33 -25.60
CA LEU A 227 25.22 -0.62 -26.11
C LEU A 227 25.42 -1.98 -25.43
N VAL A 228 24.35 -2.54 -24.87
CA VAL A 228 24.40 -3.83 -24.20
C VAL A 228 23.39 -4.82 -24.78
N ARG A 229 23.86 -6.03 -25.08
CA ARG A 229 22.98 -7.07 -25.61
C ARG A 229 22.35 -7.78 -24.42
N ASN A 230 21.02 -7.81 -24.38
CA ASN A 230 20.33 -8.44 -23.28
C ASN A 230 20.14 -9.92 -23.60
N PRO A 231 20.69 -10.81 -22.77
CA PRO A 231 20.58 -12.26 -22.99
C PRO A 231 19.16 -12.82 -22.96
N LEU A 232 18.19 -11.99 -22.55
CA LEU A 232 16.79 -12.43 -22.52
C LEU A 232 16.12 -12.15 -23.87
N SER A 233 16.79 -11.38 -24.72
CA SER A 233 16.26 -11.06 -26.06
C SER A 233 16.31 -12.35 -26.88
N ARG A 234 15.39 -12.51 -27.83
CA ARG A 234 15.37 -13.70 -28.68
C ARG A 234 16.40 -13.52 -29.80
N ASN A 235 16.91 -14.62 -30.33
CA ASN A 235 17.89 -14.55 -31.40
C ASN A 235 17.32 -13.99 -32.70
N SER A 236 16.00 -13.86 -32.76
CA SER A 236 15.35 -13.34 -33.97
C SER A 236 15.34 -11.81 -34.05
N THR A 237 16.00 -11.15 -33.10
CA THR A 237 16.11 -9.69 -33.11
C THR A 237 17.53 -9.30 -32.68
N HIS A 238 18.11 -8.33 -33.38
CA HIS A 238 19.48 -7.88 -33.08
C HIS A 238 19.48 -6.75 -32.06
N GLU A 239 18.30 -6.45 -31.51
CA GLU A 239 18.17 -5.37 -30.53
C GLU A 239 19.20 -5.36 -29.41
N MET A 240 19.69 -4.17 -29.10
CA MET A 240 20.63 -3.98 -28.01
C MET A 240 20.14 -2.75 -27.28
N TYR A 241 20.50 -2.63 -26.01
CA TYR A 241 20.06 -1.48 -25.23
C TYR A 241 21.14 -0.44 -24.93
N TRP A 242 20.84 0.81 -25.22
CA TRP A 242 21.76 1.91 -24.93
C TRP A 242 21.45 2.32 -23.50
N VAL A 243 22.37 2.02 -22.58
CA VAL A 243 22.18 2.37 -21.18
C VAL A 243 23.29 3.30 -20.71
N SER A 244 22.92 4.25 -19.86
CA SER A 244 23.82 5.27 -19.34
C SER A 244 25.06 4.82 -18.59
N ARG A 245 25.02 3.64 -17.98
CA ARG A 245 26.15 3.17 -17.22
C ARG A 245 26.87 1.99 -17.85
N ALA A 246 27.14 2.13 -19.14
CA ALA A 246 27.86 1.12 -19.92
C ALA A 246 28.75 1.99 -20.77
N SER A 247 29.78 1.40 -21.36
CA SER A 247 30.70 2.16 -22.19
C SER A 247 31.33 1.24 -23.21
N GLY A 248 32.31 1.76 -23.94
CA GLY A 248 32.98 0.93 -24.93
C GLY A 248 32.56 1.25 -26.35
N ASN A 249 33.49 1.00 -27.27
CA ASN A 249 33.30 1.25 -28.68
C ASN A 249 31.97 0.69 -29.20
N VAL A 250 31.22 1.52 -29.91
CA VAL A 250 29.94 1.11 -30.47
C VAL A 250 30.06 0.01 -31.51
N VAL A 251 30.98 0.19 -32.45
CA VAL A 251 31.17 -0.82 -33.50
C VAL A 251 31.55 -2.16 -32.90
N HIS A 252 32.51 -2.13 -31.97
CA HIS A 252 32.96 -3.34 -31.33
C HIS A 252 31.85 -4.10 -30.63
N SER A 253 31.06 -3.39 -29.84
CA SER A 253 29.95 -3.98 -29.11
C SER A 253 28.92 -4.61 -30.05
N VAL A 254 28.56 -3.89 -31.10
CA VAL A 254 27.58 -4.40 -32.07
C VAL A 254 28.09 -5.64 -32.81
N ASN A 255 29.30 -5.58 -33.35
CA ASN A 255 29.86 -6.72 -34.08
C ASN A 255 29.98 -7.94 -33.19
N MET A 256 30.33 -7.71 -31.93
CA MET A 256 30.48 -8.79 -30.97
C MET A 256 29.16 -9.54 -30.86
N THR A 257 28.07 -8.80 -30.81
CA THR A 257 26.74 -9.39 -30.72
C THR A 257 26.32 -10.09 -32.02
N SER A 258 26.68 -9.50 -33.15
CA SER A 258 26.35 -10.09 -34.44
C SER A 258 26.98 -11.48 -34.54
N GLN A 259 28.21 -11.60 -34.03
CA GLN A 259 28.97 -12.85 -34.04
C GLN A 259 28.34 -13.92 -33.15
N VAL A 260 27.87 -13.52 -31.98
CA VAL A 260 27.23 -14.46 -31.09
C VAL A 260 25.96 -14.95 -31.78
N LEU A 261 25.18 -14.01 -32.32
CA LEU A 261 23.93 -14.36 -32.99
C LEU A 261 24.15 -15.28 -34.19
N LEU A 262 25.19 -14.99 -34.97
CA LEU A 262 25.52 -15.79 -36.14
C LEU A 262 26.01 -17.17 -35.74
N GLY A 263 26.76 -17.24 -34.64
CA GLY A 263 27.27 -18.51 -34.18
C GLY A 263 26.18 -19.45 -33.72
N ARG A 264 25.09 -18.90 -33.20
CA ARG A 264 23.97 -19.71 -32.72
C ARG A 264 23.17 -20.36 -33.85
N MET A 265 23.47 -19.98 -35.09
CA MET A 265 22.80 -20.55 -36.24
C MET A 265 23.52 -21.82 -36.73
N GLU A 266 24.80 -21.94 -36.39
CA GLU A 266 25.61 -23.08 -36.85
C GLU A 266 26.01 -24.10 -35.78
N LYS A 267 25.23 -24.24 -34.74
CA LYS A 267 25.54 -25.20 -33.69
C LYS A 267 25.16 -26.61 -34.15
N ARG A 268 25.82 -27.62 -33.61
CA ARG A 268 25.52 -28.99 -33.97
C ARG A 268 24.73 -29.63 -32.83
N THR A 269 24.87 -29.04 -31.64
CA THR A 269 24.15 -29.52 -30.47
C THR A 269 23.20 -28.41 -30.06
N TRP A 270 21.90 -28.67 -30.09
CA TRP A 270 20.92 -27.66 -29.74
C TRP A 270 20.32 -27.94 -28.37
N LYS A 271 20.47 -26.98 -27.47
CA LYS A 271 20.00 -27.11 -26.10
C LYS A 271 18.76 -26.30 -25.77
N GLY A 272 18.29 -25.51 -26.74
CA GLY A 272 17.10 -24.71 -26.53
C GLY A 272 17.27 -23.56 -25.55
N PRO A 273 16.17 -22.92 -25.12
CA PRO A 273 16.21 -21.81 -24.17
C PRO A 273 16.56 -22.26 -22.76
N GLN A 274 17.37 -21.47 -22.06
CA GLN A 274 17.80 -21.80 -20.70
C GLN A 274 16.92 -21.13 -19.66
N TYR A 275 16.36 -21.93 -18.77
CA TYR A 275 15.46 -21.43 -17.73
C TYR A 275 16.09 -20.54 -16.67
N GLU A 276 15.28 -19.59 -16.21
CA GLU A 276 15.63 -18.65 -15.15
C GLU A 276 14.27 -18.26 -14.57
N GLU A 277 14.18 -18.15 -13.26
CA GLU A 277 12.89 -17.83 -12.65
C GLU A 277 12.50 -16.38 -12.90
N ASP A 278 11.23 -16.16 -13.17
CA ASP A 278 10.69 -14.82 -13.38
C ASP A 278 10.49 -14.39 -11.94
N VAL A 279 11.27 -13.42 -11.48
CA VAL A 279 11.17 -13.00 -10.09
C VAL A 279 9.86 -12.27 -9.78
N ASN A 280 9.32 -12.57 -8.61
CA ASN A 280 8.07 -11.98 -8.16
C ASN A 280 8.31 -10.55 -7.71
N LEU A 281 7.44 -9.64 -8.13
CA LEU A 281 7.59 -8.24 -7.77
C LEU A 281 7.03 -7.92 -6.39
N GLY A 282 6.30 -8.87 -5.82
CA GLY A 282 5.72 -8.64 -4.50
C GLY A 282 4.43 -7.85 -4.66
N SER A 283 3.89 -7.38 -3.55
CA SER A 283 2.65 -6.63 -3.62
C SER A 283 2.67 -5.47 -2.65
N GLY A 284 1.58 -4.72 -2.61
CA GLY A 284 1.51 -3.60 -1.71
C GLY A 284 1.77 -2.26 -2.38
N THR A 285 1.65 -1.20 -1.59
CA THR A 285 1.87 0.14 -2.08
C THR A 285 3.08 0.76 -1.40
N ARG A 286 3.53 1.90 -1.91
CA ARG A 286 4.68 2.55 -1.31
C ARG A 286 4.28 3.95 -0.84
N ALA A 287 4.84 4.35 0.29
CA ALA A 287 4.53 5.65 0.88
C ALA A 287 4.92 6.78 -0.08
N GLY B 26 -30.79 3.50 44.29
CA GLY B 26 -29.79 3.78 45.38
C GLY B 26 -29.19 5.17 45.26
N ARG B 27 -28.04 5.38 45.92
CA ARG B 27 -27.38 6.68 45.86
C ARG B 27 -26.87 6.91 44.43
N THR B 28 -26.22 8.04 44.22
CA THR B 28 -25.67 8.42 42.91
C THR B 28 -26.71 8.33 41.79
N LEU B 29 -26.78 9.35 40.96
CA LEU B 29 -27.73 9.36 39.87
C LEU B 29 -27.46 8.18 38.94
N GLY B 30 -26.20 7.81 38.81
CA GLY B 30 -25.82 6.70 37.95
C GLY B 30 -26.54 5.42 38.33
N GLU B 31 -26.68 5.17 39.62
CA GLU B 31 -27.35 3.97 40.07
C GLU B 31 -28.84 3.95 39.77
N VAL B 32 -29.50 5.10 39.78
CA VAL B 32 -30.92 5.13 39.47
C VAL B 32 -31.07 4.87 37.97
N TRP B 33 -30.15 5.42 37.19
CA TRP B 33 -30.16 5.22 35.74
C TRP B 33 -30.06 3.71 35.45
N LYS B 34 -29.14 3.05 36.15
CA LYS B 34 -28.95 1.61 35.95
C LYS B 34 -30.22 0.83 36.28
N GLU B 35 -30.87 1.19 37.38
CA GLU B 35 -32.10 0.51 37.79
C GLU B 35 -33.18 0.70 36.74
N ARG B 36 -33.33 1.93 36.24
CA ARG B 36 -34.36 2.22 35.24
C ARG B 36 -34.12 1.49 33.94
N LEU B 37 -32.85 1.37 33.56
CA LEU B 37 -32.49 0.67 32.34
C LEU B 37 -32.92 -0.79 32.42
N ASN B 38 -32.59 -1.45 33.52
CA ASN B 38 -32.94 -2.86 33.69
C ASN B 38 -34.44 -3.11 33.82
N GLN B 39 -35.22 -2.05 33.90
CA GLN B 39 -36.67 -2.17 34.04
C GLN B 39 -37.40 -1.93 32.71
N MET B 40 -36.66 -1.53 31.68
CA MET B 40 -37.27 -1.28 30.39
C MET B 40 -37.64 -2.55 29.62
N THR B 41 -38.70 -2.46 28.83
CA THR B 41 -39.12 -3.61 28.01
C THR B 41 -38.07 -3.70 26.92
N LYS B 42 -38.10 -4.78 26.16
CA LYS B 42 -37.15 -4.97 25.08
C LYS B 42 -37.22 -3.82 24.06
N GLU B 43 -38.40 -3.57 23.54
CA GLU B 43 -38.57 -2.52 22.54
C GLU B 43 -38.20 -1.13 23.04
N GLU B 44 -38.54 -0.80 24.28
CA GLU B 44 -38.20 0.51 24.84
C GLU B 44 -36.69 0.62 25.04
N PHE B 45 -36.08 -0.44 25.54
CA PHE B 45 -34.64 -0.46 25.76
C PHE B 45 -33.87 -0.17 24.46
N THR B 46 -34.25 -0.83 23.36
CA THR B 46 -33.55 -0.62 22.09
C THR B 46 -33.83 0.78 21.51
N ARG B 47 -35.00 1.33 21.81
CA ARG B 47 -35.35 2.66 21.34
C ARG B 47 -34.55 3.70 22.13
N TYR B 48 -34.47 3.49 23.43
CA TYR B 48 -33.76 4.41 24.31
C TYR B 48 -32.25 4.48 24.11
N ARG B 49 -31.61 3.34 23.88
CA ARG B 49 -30.16 3.36 23.75
C ARG B 49 -29.60 4.20 22.62
N LYS B 50 -30.42 4.50 21.62
CA LYS B 50 -29.94 5.33 20.51
C LYS B 50 -30.53 6.74 20.46
N GLU B 51 -31.36 7.08 21.42
CA GLU B 51 -31.97 8.41 21.47
C GLU B 51 -30.99 9.55 21.57
N ALA B 52 -31.03 10.43 20.57
CA ALA B 52 -30.20 11.63 20.55
C ALA B 52 -28.68 11.43 20.59
N ILE B 53 -28.21 10.19 20.41
CA ILE B 53 -26.77 9.96 20.40
C ILE B 53 -26.34 10.21 18.97
N ILE B 54 -25.06 10.42 18.75
CA ILE B 54 -24.59 10.61 17.38
C ILE B 54 -24.21 9.21 16.91
N GLU B 55 -24.63 8.85 15.70
CA GLU B 55 -24.35 7.53 15.15
C GLU B 55 -23.90 7.58 13.69
N VAL B 56 -22.71 7.04 13.43
CA VAL B 56 -22.16 7.01 12.08
C VAL B 56 -22.83 5.90 11.26
N ASP B 57 -22.94 6.08 9.96
CA ASP B 57 -23.54 5.06 9.12
C ASP B 57 -22.45 4.06 8.75
N ARG B 58 -22.74 2.79 8.97
CA ARG B 58 -21.77 1.72 8.70
C ARG B 58 -22.15 0.85 7.51
N SER B 59 -23.17 1.26 6.76
CA SER B 59 -23.60 0.44 5.62
C SER B 59 -22.48 0.16 4.62
N ALA B 60 -21.75 1.19 4.22
CA ALA B 60 -20.66 1.01 3.27
C ALA B 60 -19.54 0.12 3.84
N ALA B 61 -19.26 0.26 5.12
CA ALA B 61 -18.21 -0.54 5.76
C ALA B 61 -18.62 -2.01 5.74
N LYS B 62 -19.90 -2.25 5.99
CA LYS B 62 -20.46 -3.60 6.03
C LYS B 62 -20.40 -4.30 4.67
N HIS B 63 -20.70 -3.56 3.61
CA HIS B 63 -20.69 -4.13 2.28
C HIS B 63 -19.27 -4.30 1.76
N ALA B 64 -18.35 -3.47 2.26
CA ALA B 64 -16.95 -3.58 1.85
C ALA B 64 -16.38 -4.86 2.45
N ARG B 65 -16.81 -5.20 3.66
CA ARG B 65 -16.34 -6.40 4.34
C ARG B 65 -16.79 -7.64 3.56
N LYS B 66 -18.04 -7.63 3.12
CA LYS B 66 -18.61 -8.74 2.35
C LYS B 66 -17.87 -8.93 1.03
N GLU B 67 -17.66 -7.84 0.30
CA GLU B 67 -16.97 -7.90 -0.98
C GLU B 67 -15.47 -8.08 -0.79
N GLY B 68 -15.00 -7.98 0.44
CA GLY B 68 -13.59 -8.14 0.70
C GLY B 68 -12.77 -6.91 0.37
N ASN B 69 -13.45 -5.77 0.21
CA ASN B 69 -12.79 -4.51 -0.10
C ASN B 69 -11.98 -4.06 1.12
N VAL B 70 -10.70 -4.44 1.14
CA VAL B 70 -9.80 -4.15 2.24
C VAL B 70 -9.04 -2.83 2.11
N THR B 71 -9.15 -2.18 0.95
CA THR B 71 -8.46 -0.92 0.72
C THR B 71 -9.37 0.29 0.50
N GLY B 72 -10.64 0.15 0.85
CA GLY B 72 -11.58 1.24 0.68
C GLY B 72 -11.46 2.36 1.70
N GLY B 73 -10.73 2.12 2.77
CA GLY B 73 -10.56 3.15 3.79
C GLY B 73 -11.60 3.11 4.89
N HIS B 74 -12.48 2.13 4.83
CA HIS B 74 -13.52 2.00 5.83
C HIS B 74 -12.98 1.50 7.16
N PRO B 75 -13.45 2.09 8.27
CA PRO B 75 -12.99 1.67 9.60
C PRO B 75 -13.47 0.24 9.81
N VAL B 76 -12.79 -0.52 10.68
CA VAL B 76 -13.20 -1.90 10.93
C VAL B 76 -14.28 -2.03 12.00
N SER B 77 -14.66 -0.92 12.62
CA SER B 77 -15.69 -0.93 13.65
C SER B 77 -16.11 0.50 13.97
N ARG B 78 -17.10 0.64 14.84
CA ARG B 78 -17.56 1.96 15.23
C ARG B 78 -16.55 2.60 16.18
N GLY B 79 -15.61 1.80 16.67
CA GLY B 79 -14.61 2.32 17.58
C GLY B 79 -13.74 3.45 17.08
N THR B 80 -13.41 3.48 15.79
CA THR B 80 -12.56 4.57 15.30
C THR B 80 -13.27 5.93 15.34
N ALA B 81 -14.53 5.98 14.96
CA ALA B 81 -15.27 7.25 15.00
C ALA B 81 -15.31 7.78 16.45
N LYS B 82 -15.35 6.88 17.42
CA LYS B 82 -15.36 7.28 18.83
C LYS B 82 -14.05 7.92 19.24
N LEU B 83 -12.95 7.30 18.86
CA LEU B 83 -11.66 7.83 19.22
C LEU B 83 -11.38 9.12 18.44
N ARG B 84 -11.93 9.22 17.23
CA ARG B 84 -11.73 10.42 16.42
C ARG B 84 -12.36 11.62 17.13
N TRP B 85 -13.58 11.45 17.65
CA TRP B 85 -14.27 12.52 18.35
C TRP B 85 -13.36 13.07 19.45
N LEU B 86 -12.70 12.18 20.17
CA LEU B 86 -11.78 12.55 21.24
C LEU B 86 -10.51 13.26 20.80
N VAL B 87 -9.81 12.70 19.82
CA VAL B 87 -8.56 13.33 19.39
C VAL B 87 -8.79 14.64 18.64
N GLU B 88 -9.91 14.75 17.93
CA GLU B 88 -10.23 15.96 17.20
C GLU B 88 -10.48 17.15 18.10
N ARG B 89 -10.83 16.89 19.36
CA ARG B 89 -11.08 17.94 20.32
C ARG B 89 -9.89 18.14 21.26
N ARG B 90 -8.78 17.49 20.94
CA ARG B 90 -7.54 17.60 21.71
C ARG B 90 -7.53 16.96 23.09
N PHE B 91 -8.44 16.03 23.34
CA PHE B 91 -8.48 15.36 24.63
C PHE B 91 -7.25 14.50 24.85
N LEU B 92 -6.49 14.31 23.76
CA LEU B 92 -5.23 13.56 23.75
C LEU B 92 -4.57 13.76 22.40
N GLU B 93 -3.24 13.68 22.39
CA GLU B 93 -2.47 13.85 21.17
C GLU B 93 -1.55 12.66 20.98
N PRO B 94 -2.04 11.61 20.29
CA PRO B 94 -1.25 10.41 20.04
C PRO B 94 0.13 10.72 19.47
N VAL B 95 1.15 10.02 19.99
CA VAL B 95 2.52 10.23 19.55
C VAL B 95 3.41 9.03 19.87
N GLY B 96 4.46 8.86 19.07
CA GLY B 96 5.42 7.78 19.27
C GLY B 96 4.83 6.39 19.20
N LYS B 97 5.16 5.58 20.21
CA LYS B 97 4.66 4.22 20.26
C LYS B 97 3.28 4.15 20.94
N VAL B 98 2.32 3.57 20.24
CA VAL B 98 0.96 3.42 20.71
C VAL B 98 0.67 1.96 21.06
N ILE B 99 0.14 1.71 22.25
CA ILE B 99 -0.24 0.36 22.67
C ILE B 99 -1.74 0.44 22.95
N ASP B 100 -2.49 -0.43 22.28
CA ASP B 100 -3.95 -0.45 22.39
C ASP B 100 -4.40 -1.75 23.06
N LEU B 101 -4.76 -1.66 24.34
CA LEU B 101 -5.20 -2.81 25.12
C LEU B 101 -6.66 -3.11 24.81
N GLY B 102 -6.95 -4.35 24.42
CA GLY B 102 -8.31 -4.73 24.09
C GLY B 102 -8.70 -4.10 22.76
N CYS B 103 -7.81 -4.26 21.77
CA CYS B 103 -8.01 -3.67 20.45
C CYS B 103 -9.18 -4.26 19.66
N GLY B 104 -9.59 -5.47 20.00
CA GLY B 104 -10.70 -6.08 19.29
C GLY B 104 -10.45 -6.15 17.80
N ARG B 105 -11.40 -5.65 17.01
CA ARG B 105 -11.24 -5.65 15.56
C ARG B 105 -10.10 -4.74 15.12
N GLY B 106 -9.85 -3.68 15.89
CA GLY B 106 -8.76 -2.77 15.57
C GLY B 106 -9.09 -1.33 15.22
N GLY B 107 -10.33 -0.93 15.44
CA GLY B 107 -10.74 0.42 15.11
C GLY B 107 -9.87 1.54 15.64
N TRP B 108 -9.32 1.37 16.84
CA TRP B 108 -8.46 2.40 17.44
C TRP B 108 -7.05 2.29 16.88
N CYS B 109 -6.59 1.06 16.66
CA CYS B 109 -5.26 0.85 16.10
C CYS B 109 -5.18 1.46 14.70
N TYR B 110 -6.14 1.13 13.85
CA TYR B 110 -6.15 1.67 12.48
C TYR B 110 -6.30 3.18 12.43
N TYR B 111 -7.05 3.75 13.37
CA TYR B 111 -7.20 5.18 13.40
C TYR B 111 -5.88 5.83 13.84
N MET B 112 -5.24 5.27 14.86
CA MET B 112 -3.98 5.82 15.35
C MET B 112 -2.89 5.76 14.27
N ALA B 113 -2.95 4.74 13.43
CA ALA B 113 -1.97 4.58 12.35
C ALA B 113 -2.02 5.73 11.36
N THR B 114 -3.10 6.51 11.36
CA THR B 114 -3.23 7.63 10.43
C THR B 114 -2.74 8.96 11.01
N GLN B 115 -2.36 8.97 12.28
CA GLN B 115 -1.88 10.18 12.92
C GLN B 115 -0.38 10.39 12.70
N LYS B 116 -0.02 11.56 12.18
CA LYS B 116 1.37 11.89 11.87
C LYS B 116 2.41 11.70 12.98
N ARG B 117 2.04 12.01 14.22
CA ARG B 117 2.96 11.88 15.35
C ARG B 117 3.19 10.45 15.80
N VAL B 118 2.30 9.55 15.40
CA VAL B 118 2.38 8.14 15.77
C VAL B 118 3.36 7.39 14.84
N GLN B 119 4.24 6.57 15.40
CA GLN B 119 5.19 5.84 14.57
C GLN B 119 5.11 4.31 14.68
N GLU B 120 4.37 3.83 15.69
CA GLU B 120 4.19 2.41 15.90
C GLU B 120 2.91 2.14 16.68
N VAL B 121 2.13 1.17 16.22
CA VAL B 121 0.88 0.83 16.88
C VAL B 121 0.87 -0.66 17.23
N ARG B 122 0.72 -0.96 18.51
CA ARG B 122 0.70 -2.34 18.98
C ARG B 122 -0.62 -2.56 19.70
N GLY B 123 -1.39 -3.54 19.27
CA GLY B 123 -2.66 -3.82 19.90
C GLY B 123 -2.72 -5.23 20.43
N TYR B 124 -3.36 -5.41 21.58
CA TYR B 124 -3.52 -6.74 22.17
C TYR B 124 -4.99 -6.94 22.46
N THR B 125 -5.49 -8.13 22.15
CA THR B 125 -6.88 -8.43 22.41
C THR B 125 -7.03 -9.91 22.76
N LYS B 126 -8.07 -10.24 23.53
CA LYS B 126 -8.28 -11.60 23.96
C LYS B 126 -8.58 -12.58 22.84
N GLY B 127 -9.50 -12.21 21.96
CA GLY B 127 -9.85 -13.11 20.87
C GLY B 127 -10.40 -14.40 21.44
N GLY B 128 -10.62 -15.39 20.58
CA GLY B 128 -11.16 -16.66 21.04
C GLY B 128 -12.67 -16.60 20.95
N PRO B 129 -13.37 -17.73 21.18
CA PRO B 129 -14.84 -17.79 21.12
C PRO B 129 -15.60 -16.67 21.87
N GLY B 130 -16.46 -15.98 21.12
CA GLY B 130 -17.24 -14.89 21.70
C GLY B 130 -16.59 -13.53 21.61
N HIS B 131 -15.28 -13.51 21.42
CA HIS B 131 -14.53 -12.26 21.34
C HIS B 131 -14.10 -11.88 19.91
N GLU B 132 -14.09 -10.58 19.63
CA GLU B 132 -13.68 -10.10 18.30
C GLU B 132 -12.20 -10.40 18.03
N GLU B 133 -11.91 -10.77 16.80
CA GLU B 133 -10.55 -11.07 16.38
C GLU B 133 -10.07 -9.86 15.61
N PRO B 134 -8.77 -9.57 15.64
CA PRO B 134 -8.37 -8.40 14.87
C PRO B 134 -8.64 -8.61 13.38
N GLN B 135 -9.12 -7.57 12.72
CA GLN B 135 -9.40 -7.62 11.30
C GLN B 135 -8.25 -6.97 10.54
N LEU B 136 -7.67 -7.70 9.61
CA LEU B 136 -6.55 -7.19 8.84
C LEU B 136 -7.03 -6.49 7.56
N VAL B 137 -6.88 -5.17 7.53
CA VAL B 137 -7.28 -4.40 6.36
C VAL B 137 -6.13 -3.47 5.99
N GLN B 138 -6.30 -2.70 4.92
CA GLN B 138 -5.22 -1.83 4.47
C GLN B 138 -5.56 -0.34 4.37
N SER B 139 -6.11 0.19 5.46
CA SER B 139 -6.42 1.62 5.51
C SER B 139 -5.06 2.31 5.72
N TYR B 140 -5.03 3.62 5.52
CA TYR B 140 -3.78 4.38 5.63
C TYR B 140 -2.93 4.09 6.86
N GLY B 141 -1.68 3.72 6.63
CA GLY B 141 -0.75 3.45 7.73
C GLY B 141 -0.83 2.07 8.36
N TRP B 142 -1.62 1.18 7.77
CA TRP B 142 -1.79 -0.17 8.31
C TRP B 142 -0.47 -0.93 8.51
N ASN B 143 0.58 -0.55 7.79
CA ASN B 143 1.86 -1.22 7.92
C ASN B 143 2.54 -0.98 9.27
N ILE B 144 2.16 0.08 9.97
CA ILE B 144 2.77 0.36 11.28
C ILE B 144 1.98 -0.30 12.39
N VAL B 145 0.90 -0.99 12.02
CA VAL B 145 0.05 -1.69 12.99
C VAL B 145 0.37 -3.17 13.15
N THR B 146 0.41 -3.61 14.40
CA THR B 146 0.67 -5.01 14.74
C THR B 146 -0.27 -5.42 15.87
N MET B 147 -1.27 -6.25 15.55
CA MET B 147 -2.22 -6.72 16.55
C MET B 147 -2.06 -8.20 16.83
N LYS B 148 -1.98 -8.56 18.11
CA LYS B 148 -1.85 -9.94 18.50
C LYS B 148 -3.05 -10.40 19.32
N SER B 149 -3.75 -11.40 18.82
CA SER B 149 -4.93 -11.92 19.51
C SER B 149 -4.53 -13.02 20.48
N GLY B 150 -5.51 -13.54 21.21
CA GLY B 150 -5.23 -14.59 22.18
C GLY B 150 -4.47 -14.06 23.38
N VAL B 151 -4.52 -12.75 23.60
CA VAL B 151 -3.83 -12.14 24.73
C VAL B 151 -4.77 -11.49 25.74
N ASP B 152 -4.88 -12.10 26.92
CA ASP B 152 -5.71 -11.52 27.96
C ASP B 152 -4.73 -10.58 28.65
N VAL B 153 -4.97 -9.28 28.47
CA VAL B 153 -4.06 -8.27 29.02
C VAL B 153 -3.91 -8.25 30.53
N PHE B 154 -4.81 -8.90 31.25
CA PHE B 154 -4.70 -8.92 32.71
C PHE B 154 -3.51 -9.75 33.19
N TYR B 155 -2.98 -10.62 32.34
CA TYR B 155 -1.84 -11.45 32.72
C TYR B 155 -0.54 -11.06 32.01
N ARG B 156 -0.62 -10.11 31.10
CA ARG B 156 0.56 -9.70 30.35
C ARG B 156 1.34 -8.58 31.02
N PRO B 157 2.63 -8.82 31.33
CA PRO B 157 3.42 -7.76 31.96
C PRO B 157 3.49 -6.55 31.04
N SER B 158 3.47 -5.36 31.64
CA SER B 158 3.48 -4.11 30.90
C SER B 158 4.73 -3.85 30.07
N GLU B 159 4.53 -3.03 29.04
CA GLU B 159 5.59 -2.65 28.11
C GLU B 159 5.60 -1.12 27.97
N CYS B 160 6.74 -0.58 27.58
CA CYS B 160 6.88 0.86 27.42
C CYS B 160 6.17 1.39 26.20
N CYS B 161 5.60 2.59 26.32
CA CYS B 161 4.91 3.23 25.21
C CYS B 161 4.75 4.72 25.50
N ASP B 162 4.42 5.49 24.47
CA ASP B 162 4.25 6.93 24.63
C ASP B 162 2.78 7.32 24.69
N THR B 163 1.93 6.44 24.14
CA THR B 163 0.49 6.66 24.15
C THR B 163 -0.16 5.35 24.56
N LEU B 164 -0.95 5.38 25.62
CA LEU B 164 -1.60 4.17 26.11
C LEU B 164 -3.10 4.25 25.92
N LEU B 165 -3.68 3.25 25.27
CA LEU B 165 -5.13 3.21 25.03
C LEU B 165 -5.72 1.92 25.57
N CYS B 166 -6.94 2.00 26.09
CA CYS B 166 -7.61 0.83 26.64
C CYS B 166 -9.12 1.02 26.48
N ASP B 167 -9.79 0.04 25.89
CA ASP B 167 -11.23 0.12 25.65
C ASP B 167 -11.94 -1.11 26.20
N ILE B 168 -11.39 -1.69 27.26
CA ILE B 168 -11.97 -2.87 27.89
C ILE B 168 -13.05 -2.51 28.91
N GLY B 169 -14.11 -3.31 28.94
CA GLY B 169 -15.19 -3.09 29.87
C GLY B 169 -16.36 -4.00 29.57
N GLU B 170 -16.33 -5.21 30.12
CA GLU B 170 -17.41 -6.19 29.90
C GLU B 170 -18.63 -5.83 30.73
N SER B 171 -19.69 -5.37 30.07
CA SER B 171 -20.92 -4.97 30.74
C SER B 171 -21.62 -6.09 31.50
N SER B 172 -22.35 -5.70 32.55
CA SER B 172 -23.09 -6.61 33.40
C SER B 172 -24.38 -5.91 33.83
N SER B 173 -25.46 -6.67 34.02
CA SER B 173 -26.69 -6.01 34.45
C SER B 173 -26.52 -5.54 35.88
N SER B 174 -25.49 -6.05 36.56
CA SER B 174 -25.20 -5.68 37.94
C SER B 174 -24.17 -4.55 38.05
N ALA B 175 -24.58 -3.43 38.61
CA ALA B 175 -23.67 -2.28 38.76
C ALA B 175 -22.50 -2.64 39.68
N GLU B 176 -22.72 -3.58 40.60
CA GLU B 176 -21.66 -4.00 41.50
C GLU B 176 -20.61 -4.77 40.71
N VAL B 177 -21.06 -5.65 39.83
CA VAL B 177 -20.14 -6.44 39.00
C VAL B 177 -19.31 -5.48 38.15
N GLU B 178 -19.97 -4.49 37.55
CA GLU B 178 -19.27 -3.52 36.71
C GLU B 178 -18.25 -2.70 37.49
N GLU B 179 -18.57 -2.37 38.73
CA GLU B 179 -17.66 -1.59 39.56
C GLU B 179 -16.37 -2.37 39.77
N HIS B 180 -16.54 -3.65 40.09
CA HIS B 180 -15.41 -4.55 40.31
C HIS B 180 -14.61 -4.72 39.03
N ARG B 181 -15.29 -4.87 37.91
CA ARG B 181 -14.61 -5.05 36.63
C ARG B 181 -13.86 -3.78 36.25
N THR B 182 -14.45 -2.64 36.56
CA THR B 182 -13.82 -1.35 36.24
C THR B 182 -12.57 -1.13 37.10
N ILE B 183 -12.65 -1.51 38.36
CA ILE B 183 -11.51 -1.34 39.26
C ILE B 183 -10.37 -2.23 38.78
N ARG B 184 -10.72 -3.44 38.34
CA ARG B 184 -9.70 -4.37 37.87
C ARG B 184 -8.99 -3.77 36.66
N VAL B 185 -9.75 -3.19 35.74
CA VAL B 185 -9.16 -2.58 34.56
C VAL B 185 -8.24 -1.44 34.96
N LEU B 186 -8.73 -0.55 35.82
CA LEU B 186 -7.95 0.60 36.28
C LEU B 186 -6.64 0.23 36.99
N GLU B 187 -6.65 -0.87 37.74
CA GLU B 187 -5.45 -1.31 38.44
C GLU B 187 -4.48 -1.90 37.43
N MET B 188 -5.03 -2.51 36.38
CA MET B 188 -4.24 -3.10 35.31
C MET B 188 -3.61 -1.98 34.49
N VAL B 189 -4.40 -0.98 34.14
CA VAL B 189 -3.90 0.15 33.35
C VAL B 189 -2.79 0.94 34.05
N GLU B 190 -2.87 1.06 35.37
CA GLU B 190 -1.86 1.81 36.10
C GLU B 190 -0.47 1.17 36.00
N ASP B 191 -0.44 -0.12 35.74
CA ASP B 191 0.82 -0.85 35.60
C ASP B 191 1.53 -0.41 34.32
N TRP B 192 0.76 0.00 33.33
CA TRP B 192 1.31 0.45 32.07
C TRP B 192 1.66 1.93 32.14
N LEU B 193 0.90 2.68 32.94
CA LEU B 193 1.14 4.11 33.08
C LEU B 193 2.42 4.46 33.83
N HIS B 194 2.73 3.74 34.91
CA HIS B 194 3.95 4.10 35.63
C HIS B 194 5.20 3.83 34.81
N ARG B 195 4.98 3.33 33.59
CA ARG B 195 6.07 3.06 32.67
C ARG B 195 6.46 4.34 31.96
N GLY B 196 5.56 5.32 31.92
CA GLY B 196 5.86 6.59 31.27
C GLY B 196 4.92 7.16 30.21
N PRO B 197 3.90 6.43 29.74
CA PRO B 197 2.99 7.00 28.73
C PRO B 197 2.42 8.34 29.19
N ARG B 198 2.71 9.41 28.44
CA ARG B 198 2.22 10.72 28.83
C ARG B 198 0.83 10.99 28.27
N GLU B 199 0.52 10.35 27.14
CA GLU B 199 -0.79 10.49 26.50
C GLU B 199 -1.59 9.21 26.69
N PHE B 200 -2.87 9.35 27.02
CA PHE B 200 -3.70 8.16 27.21
C PHE B 200 -5.21 8.39 27.07
N CYS B 201 -5.91 7.28 26.82
CA CYS B 201 -7.36 7.26 26.69
C CYS B 201 -7.80 5.89 27.23
N VAL B 202 -8.49 5.89 28.36
CA VAL B 202 -8.92 4.64 28.97
C VAL B 202 -10.42 4.63 29.24
N LYS B 203 -11.12 3.65 28.70
CA LYS B 203 -12.56 3.57 28.94
C LYS B 203 -12.81 3.18 30.38
N VAL B 204 -13.74 3.87 31.02
CA VAL B 204 -14.10 3.58 32.40
C VAL B 204 -15.57 3.13 32.32
N LEU B 205 -15.76 1.82 32.23
CA LEU B 205 -17.08 1.20 32.11
C LEU B 205 -18.17 1.77 33.02
N CYS B 206 -17.95 1.67 34.32
CA CYS B 206 -18.91 2.13 35.32
C CYS B 206 -18.25 3.17 36.24
N PRO B 207 -18.23 4.45 35.82
CA PRO B 207 -17.63 5.54 36.57
C PRO B 207 -18.44 6.14 37.71
N TYR B 208 -19.68 5.68 37.87
CA TYR B 208 -20.52 6.23 38.92
C TYR B 208 -20.48 5.51 40.27
N MET B 209 -19.96 4.28 40.33
CA MET B 209 -19.89 3.57 41.61
C MET B 209 -18.77 4.13 42.49
N PRO B 210 -19.03 4.26 43.80
CA PRO B 210 -18.08 4.79 44.79
C PRO B 210 -16.62 4.36 44.73
N LYS B 211 -16.35 3.08 44.44
CA LYS B 211 -14.97 2.63 44.35
C LYS B 211 -14.27 3.21 43.12
N VAL B 212 -14.98 3.30 42.00
CA VAL B 212 -14.40 3.86 40.79
C VAL B 212 -14.15 5.36 40.97
N ILE B 213 -15.10 6.04 41.60
CA ILE B 213 -14.98 7.48 41.85
C ILE B 213 -13.73 7.74 42.70
N GLU B 214 -13.55 6.96 43.76
CA GLU B 214 -12.38 7.13 44.63
C GLU B 214 -11.11 6.75 43.89
N LYS B 215 -11.15 5.64 43.17
CA LYS B 215 -9.99 5.17 42.40
C LYS B 215 -9.60 6.23 41.37
N MET B 216 -10.60 6.77 40.67
CA MET B 216 -10.35 7.81 39.66
C MET B 216 -9.77 9.08 40.28
N GLU B 217 -10.30 9.49 41.42
CA GLU B 217 -9.79 10.69 42.09
C GLU B 217 -8.31 10.53 42.42
N LEU B 218 -7.92 9.34 42.86
CA LEU B 218 -6.53 9.10 43.17
C LEU B 218 -5.72 9.03 41.88
N LEU B 219 -6.26 8.36 40.87
CA LEU B 219 -5.57 8.22 39.58
C LEU B 219 -5.38 9.59 38.92
N GLN B 220 -6.35 10.48 39.13
CA GLN B 220 -6.30 11.82 38.55
C GLN B 220 -5.21 12.63 39.24
N ARG B 221 -5.04 12.40 40.53
CA ARG B 221 -4.00 13.11 41.29
C ARG B 221 -2.61 12.74 40.76
N ARG B 222 -2.41 11.44 40.55
CA ARG B 222 -1.13 10.94 40.07
C ARG B 222 -0.85 11.16 38.58
N TYR B 223 -1.86 11.02 37.72
CA TYR B 223 -1.64 11.16 36.29
C TYR B 223 -2.39 12.26 35.57
N GLY B 224 -3.11 13.10 36.30
CA GLY B 224 -3.87 14.16 35.67
C GLY B 224 -4.95 13.62 34.77
N GLY B 225 -5.46 14.46 33.87
CA GLY B 225 -6.52 14.02 32.97
C GLY B 225 -7.90 14.17 33.55
N GLY B 226 -8.92 13.75 32.81
CA GLY B 226 -10.28 13.84 33.30
C GLY B 226 -11.22 12.82 32.65
N LEU B 227 -12.47 12.82 33.07
CA LEU B 227 -13.47 11.90 32.53
C LEU B 227 -14.33 12.64 31.49
N VAL B 228 -14.43 12.07 30.29
CA VAL B 228 -15.21 12.65 29.21
C VAL B 228 -16.26 11.68 28.67
N ARG B 229 -17.49 12.14 28.53
CA ARG B 229 -18.56 11.32 28.00
C ARG B 229 -18.52 11.45 26.48
N ASN B 230 -18.40 10.32 25.78
CA ASN B 230 -18.33 10.33 24.33
C ASN B 230 -19.75 10.27 23.78
N PRO B 231 -20.17 11.31 23.05
CA PRO B 231 -21.53 11.35 22.48
C PRO B 231 -21.85 10.24 21.47
N LEU B 232 -20.85 9.44 21.08
CA LEU B 232 -21.08 8.33 20.16
C LEU B 232 -21.44 7.05 20.96
N SER B 233 -21.24 7.10 22.27
CA SER B 233 -21.58 5.96 23.14
C SER B 233 -23.09 5.84 23.15
N ARG B 234 -23.60 4.63 23.34
CA ARG B 234 -25.05 4.40 23.37
C ARG B 234 -25.55 4.74 24.77
N ASN B 235 -26.82 5.12 24.89
CA ASN B 235 -27.38 5.46 26.20
C ASN B 235 -27.50 4.26 27.13
N SER B 236 -27.27 3.06 26.59
CA SER B 236 -27.35 1.84 27.41
C SER B 236 -26.07 1.53 28.17
N THR B 237 -25.10 2.45 28.13
CA THR B 237 -23.84 2.27 28.86
C THR B 237 -23.43 3.64 29.45
N HIS B 238 -23.00 3.65 30.70
CA HIS B 238 -22.61 4.90 31.36
C HIS B 238 -21.13 5.18 31.15
N GLU B 239 -20.49 4.38 30.32
CA GLU B 239 -19.06 4.54 30.06
C GLU B 239 -18.58 5.95 29.73
N MET B 240 -17.46 6.32 30.32
CA MET B 240 -16.85 7.61 30.06
C MET B 240 -15.38 7.33 29.87
N TYR B 241 -14.67 8.22 29.19
CA TYR B 241 -13.26 8.01 28.96
C TYR B 241 -12.34 8.91 29.75
N TRP B 242 -11.35 8.29 30.39
CA TRP B 242 -10.36 9.03 31.15
C TRP B 242 -9.25 9.36 30.15
N VAL B 243 -9.15 10.64 29.80
CA VAL B 243 -8.16 11.09 28.85
C VAL B 243 -7.22 12.11 29.49
N SER B 244 -5.94 12.02 29.13
CA SER B 244 -4.91 12.87 29.69
C SER B 244 -5.06 14.39 29.53
N ARG B 245 -5.75 14.83 28.48
CA ARG B 245 -5.89 16.26 28.26
C ARG B 245 -7.30 16.78 28.52
N ALA B 246 -7.83 16.39 29.67
CA ALA B 246 -9.15 16.79 30.12
C ALA B 246 -8.92 17.02 31.58
N SER B 247 -9.82 17.74 32.23
CA SER B 247 -9.66 18.00 33.66
C SER B 247 -11.03 18.24 34.29
N GLY B 248 -11.03 18.66 35.55
CA GLY B 248 -12.29 18.91 36.20
C GLY B 248 -12.68 17.83 37.20
N ASN B 249 -13.43 18.26 38.20
CA ASN B 249 -13.90 17.38 39.26
C ASN B 249 -14.50 16.09 38.71
N VAL B 250 -14.09 14.95 39.27
CA VAL B 250 -14.58 13.65 38.86
C VAL B 250 -16.06 13.46 39.17
N VAL B 251 -16.46 13.78 40.38
CA VAL B 251 -17.85 13.62 40.77
C VAL B 251 -18.76 14.47 39.87
N HIS B 252 -18.35 15.72 39.66
CA HIS B 252 -19.13 16.64 38.86
C HIS B 252 -19.34 16.12 37.43
N SER B 253 -18.27 15.68 36.81
CA SER B 253 -18.32 15.19 35.45
C SER B 253 -19.21 13.95 35.32
N VAL B 254 -19.08 13.02 36.27
CA VAL B 254 -19.89 11.82 36.25
C VAL B 254 -21.38 12.12 36.45
N ASN B 255 -21.71 12.90 37.48
CA ASN B 255 -23.11 13.25 37.75
C ASN B 255 -23.74 13.96 36.56
N MET B 256 -22.95 14.83 35.93
CA MET B 256 -23.41 15.58 34.77
C MET B 256 -23.90 14.60 33.70
N THR B 257 -23.11 13.56 33.47
CA THR B 257 -23.45 12.54 32.48
C THR B 257 -24.65 11.71 32.89
N SER B 258 -24.75 11.38 34.18
CA SER B 258 -25.87 10.60 34.68
C SER B 258 -27.17 11.34 34.40
N GLN B 259 -27.14 12.67 34.58
CA GLN B 259 -28.30 13.53 34.36
C GLN B 259 -28.74 13.57 32.91
N VAL B 260 -27.76 13.65 32.01
CA VAL B 260 -28.08 13.66 30.59
C VAL B 260 -28.71 12.32 30.24
N LEU B 261 -28.09 11.23 30.71
CA LEU B 261 -28.60 9.90 30.43
C LEU B 261 -30.01 9.70 30.97
N LEU B 262 -30.25 10.17 32.19
CA LEU B 262 -31.56 10.05 32.82
C LEU B 262 -32.60 10.89 32.11
N GLY B 263 -32.19 12.07 31.65
CA GLY B 263 -33.10 12.95 30.95
C GLY B 263 -33.58 12.38 29.63
N ARG B 264 -32.75 11.57 28.98
CA ARG B 264 -33.11 10.98 27.71
C ARG B 264 -34.13 9.86 27.84
N MET B 265 -34.46 9.49 29.07
CA MET B 265 -35.45 8.45 29.30
C MET B 265 -36.85 9.05 29.42
N GLU B 266 -36.92 10.35 29.74
CA GLU B 266 -38.20 11.01 29.93
C GLU B 266 -38.60 12.04 28.88
N LYS B 267 -38.13 11.87 27.65
CA LYS B 267 -38.49 12.81 26.60
C LYS B 267 -39.89 12.50 26.07
N ARG B 268 -40.55 13.52 25.52
CA ARG B 268 -41.89 13.33 24.98
C ARG B 268 -41.80 13.27 23.46
N THR B 269 -40.73 13.87 22.94
CA THR B 269 -40.50 13.86 21.50
C THR B 269 -39.23 13.05 21.27
N TRP B 270 -39.35 11.95 20.53
CA TRP B 270 -38.21 11.08 20.25
C TRP B 270 -37.71 11.27 18.82
N LYS B 271 -36.44 11.66 18.70
CA LYS B 271 -35.85 11.91 17.39
C LYS B 271 -34.86 10.84 16.94
N GLY B 272 -34.61 9.86 17.79
CA GLY B 272 -33.69 8.78 17.45
C GLY B 272 -32.24 9.20 17.36
N PRO B 273 -31.36 8.35 16.80
CA PRO B 273 -29.94 8.64 16.65
C PRO B 273 -29.67 9.68 15.56
N GLN B 274 -28.74 10.59 15.82
CA GLN B 274 -28.39 11.64 14.87
C GLN B 274 -27.20 11.26 14.01
N TYR B 275 -27.39 11.32 12.70
CA TYR B 275 -26.37 10.95 11.74
C TYR B 275 -25.12 11.84 11.70
N GLU B 276 -24.00 11.19 11.43
CA GLU B 276 -22.69 11.81 11.28
C GLU B 276 -21.96 10.85 10.36
N GLU B 277 -21.20 11.38 9.42
CA GLU B 277 -20.49 10.52 8.48
C GLU B 277 -19.33 9.81 9.16
N ASP B 278 -19.16 8.53 8.83
CA ASP B 278 -18.05 7.74 9.35
C ASP B 278 -16.93 8.18 8.40
N VAL B 279 -15.95 8.90 8.92
CA VAL B 279 -14.88 9.40 8.07
C VAL B 279 -13.98 8.29 7.52
N ASN B 280 -13.61 8.43 6.25
CA ASN B 280 -12.77 7.45 5.59
C ASN B 280 -11.32 7.62 6.05
N LEU B 281 -10.66 6.50 6.34
CA LEU B 281 -9.28 6.54 6.82
C LEU B 281 -8.27 6.66 5.70
N GLY B 282 -8.74 6.47 4.47
CA GLY B 282 -7.84 6.55 3.33
C GLY B 282 -7.11 5.22 3.18
N SER B 283 -6.11 5.19 2.33
CA SER B 283 -5.37 3.97 2.13
C SER B 283 -3.88 4.25 1.98
N GLY B 284 -3.12 3.19 1.76
CA GLY B 284 -1.68 3.36 1.61
C GLY B 284 -0.87 3.04 2.85
N THR B 285 0.44 3.13 2.70
CA THR B 285 1.36 2.85 3.79
C THR B 285 2.08 4.13 4.21
N ARG B 286 2.77 4.07 5.34
CA ARG B 286 3.51 5.20 5.85
C ARG B 286 5.00 4.87 5.92
N ALA B 287 5.84 5.83 5.55
CA ALA B 287 7.28 5.62 5.58
C ALA B 287 7.75 5.33 7.00
#